data_4JD4
#
_entry.id   4JD4
#
_cell.length_a   68.114
_cell.length_b   71.964
_cell.length_c   128.506
_cell.angle_alpha   90.000
_cell.angle_beta   90.000
_cell.angle_gamma   90.000
#
_symmetry.space_group_name_H-M   'P 21 21 21'
#
loop_
_entity.id
_entity.type
_entity.pdbx_description
1 polymer 'Dihydroorotate dehydrogenase (fumarate)'
2 non-polymer '5-{2-[2-(hydroxymethyl)phenyl]ethyl}-2,6-dioxo-1,2,3,6-tetrahydropyrimidine-4-carboxylic acid'
3 non-polymer GLYCEROL
4 non-polymer 'FLAVIN MONONUCLEOTIDE'
5 non-polymer 'COBALT HEXAMMINE(III)'
6 water water
#
_entity_poly.entity_id   1
_entity_poly.type   'polypeptide(L)'
_entity_poly.pdbx_seq_one_letter_code
;MCLKLNLLDHVFANPFMNAAGVLCSTEEDLRCMTASSSGALVSKSCTSAPRDGNPEPRYMAFPLGSINSMGLPNLGFDFY
LKYASDLHDYSKKPLFLSISGLSVEENVAMVRRLAPVAQEKGVLLELNLSCPNVPGKPQVAYDFEAMRTYLQQVSLAYGL
PFGVKMPPYFDIAHFDTAAAVLNEFPLVKFVTCVNSVGNGLVIDAESESVVIKPKQGFGGLGGKYILPTALANVNAFYRR
CPDKLVFGCGGVYSGEDAFLHILAGASMVQVGTALQEEGPGIFTRLEDELLEIMARKGYRTLEEFRGRVKTIE
;
_entity_poly.pdbx_strand_id   A,B
#
# COMPACT_ATOMS: atom_id res chain seq x y z
N MET A 1 29.83 12.32 21.04
CA MET A 1 28.41 11.86 20.65
C MET A 1 28.33 10.89 19.43
N CYS A 2 28.00 9.65 19.73
CA CYS A 2 28.02 8.58 18.69
C CYS A 2 26.82 7.68 18.85
N LEU A 3 26.49 7.03 17.69
CA LEU A 3 25.21 6.24 17.39
C LEU A 3 25.47 4.77 17.54
N LYS A 4 26.61 4.33 18.21
CA LYS A 4 27.02 2.87 18.23
C LYS A 4 25.99 2.18 19.13
N LEU A 5 25.68 0.91 18.82
CA LEU A 5 24.71 0.06 19.51
C LEU A 5 25.04 -1.46 19.38
N ASN A 6 24.42 -2.28 20.21
CA ASN A 6 24.65 -3.72 20.41
C ASN A 6 23.36 -4.32 20.23
N LEU A 7 23.23 -5.35 19.34
CA LEU A 7 22.04 -6.14 19.06
C LEU A 7 22.45 -7.53 18.59
N LEU A 8 21.73 -8.55 18.93
CA LEU A 8 21.93 -9.89 18.43
C LEU A 8 23.42 -10.38 18.68
N ASP A 9 23.99 -9.95 19.78
CA ASP A 9 25.39 -10.26 20.16
C ASP A 9 26.42 -9.74 19.20
N HIS A 10 26.08 -8.66 18.52
CA HIS A 10 27.02 -7.93 17.69
C HIS A 10 27.02 -6.46 17.98
N VAL A 11 28.09 -5.77 17.71
CA VAL A 11 28.25 -4.34 17.89
C VAL A 11 28.10 -3.70 16.52
N PHE A 12 27.31 -2.60 16.52
CA PHE A 12 27.05 -1.78 15.37
C PHE A 12 27.45 -0.29 15.60
N ALA A 13 28.13 0.30 14.64
CA ALA A 13 28.66 1.71 14.72
C ALA A 13 27.50 2.69 14.64
N ASN A 14 26.39 2.26 14.06
CA ASN A 14 25.21 3.12 13.84
C ASN A 14 24.10 2.17 13.36
N PRO A 15 22.83 2.61 13.37
CA PRO A 15 21.69 1.70 13.01
C PRO A 15 21.49 1.52 11.53
N PHE A 16 22.27 2.13 10.68
CA PHE A 16 21.98 2.13 9.24
C PHE A 16 22.58 0.97 8.48
N MET A 17 21.84 0.46 7.53
CA MET A 17 22.35 -0.56 6.60
C MET A 17 21.62 -0.44 5.29
N ASN A 18 22.10 -1.10 4.21
CA ASN A 18 21.31 -1.21 3.00
C ASN A 18 20.11 -2.10 3.25
N ALA A 19 19.08 -1.88 2.43
CA ALA A 19 18.00 -2.80 2.22
C ALA A 19 18.41 -3.97 1.31
N ALA A 20 18.01 -5.18 1.60
CA ALA A 20 18.36 -6.29 0.71
C ALA A 20 17.94 -5.97 -0.67
N GLY A 21 18.77 -6.35 -1.60
CA GLY A 21 18.58 -6.09 -3.01
C GLY A 21 19.29 -4.91 -3.60
N VAL A 22 19.56 -3.89 -2.75
CA VAL A 22 20.23 -2.66 -3.22
C VAL A 22 21.72 -2.69 -2.81
N LEU A 23 22.57 -2.49 -3.80
CA LEU A 23 24.00 -2.43 -3.66
C LEU A 23 24.64 -3.63 -2.87
N CYS A 24 24.27 -4.84 -3.33
CA CYS A 24 24.61 -6.03 -2.55
C CYS A 24 24.55 -7.33 -3.30
N SER A 25 24.61 -7.24 -4.63
CA SER A 25 24.52 -8.43 -5.49
C SER A 25 25.87 -9.07 -5.78
N THR A 26 26.86 -8.26 -6.08
CA THR A 26 28.13 -8.70 -6.54
C THR A 26 29.17 -8.56 -5.45
N GLU A 27 30.37 -9.15 -5.61
CA GLU A 27 31.46 -8.94 -4.68
C GLU A 27 31.83 -7.44 -4.63
N GLU A 28 31.88 -6.80 -5.79
CA GLU A 28 32.11 -5.34 -5.88
C GLU A 28 31.13 -4.60 -5.03
N ASP A 29 29.83 -4.95 -5.12
CA ASP A 29 28.82 -4.24 -4.37
C ASP A 29 29.05 -4.38 -2.88
N LEU A 30 29.36 -5.60 -2.47
CA LEU A 30 29.47 -5.96 -1.07
C LEU A 30 30.71 -5.29 -0.47
N ARG A 31 31.81 -5.25 -1.23
CA ARG A 31 32.97 -4.49 -0.81
C ARG A 31 32.74 -2.96 -0.70
N CYS A 32 31.87 -2.45 -1.55
CA CYS A 32 31.48 -1.04 -1.54
C CYS A 32 30.65 -0.77 -0.29
N MET A 33 29.68 -1.61 0.00
CA MET A 33 28.91 -1.47 1.22
C MET A 33 29.74 -1.62 2.44
N THR A 34 30.73 -2.52 2.44
CA THR A 34 31.63 -2.67 3.61
C THR A 34 32.49 -1.42 3.82
N ALA A 35 32.93 -0.80 2.75
CA ALA A 35 33.75 0.41 2.82
C ALA A 35 32.97 1.67 3.25
N SER A 36 31.64 1.63 3.11
CA SER A 36 30.83 2.74 3.50
C SER A 36 30.77 2.94 5.00
N SER A 37 30.09 4.01 5.38
CA SER A 37 29.88 4.28 6.78
C SER A 37 28.71 3.59 7.37
N SER A 38 28.02 2.69 6.65
CA SER A 38 26.87 2.01 7.26
C SER A 38 27.31 1.19 8.48
N GLY A 39 26.39 0.94 9.38
CA GLY A 39 26.63 0.13 10.50
C GLY A 39 26.66 -1.33 10.23
N ALA A 40 26.03 -1.76 9.16
CA ALA A 40 25.96 -3.20 8.73
C ALA A 40 25.64 -3.23 7.25
N LEU A 41 25.66 -4.43 6.70
CA LEU A 41 25.22 -4.69 5.33
C LEU A 41 24.49 -5.99 5.24
N VAL A 42 23.59 -6.12 4.28
CA VAL A 42 22.87 -7.36 3.90
C VAL A 42 23.12 -7.70 2.47
N SER A 43 23.27 -9.00 2.20
CA SER A 43 23.46 -9.43 0.82
C SER A 43 22.19 -9.62 0.10
N LYS A 44 22.20 -9.67 -1.23
CA LYS A 44 21.02 -9.82 -2.07
C LYS A 44 20.34 -11.14 -1.69
N SER A 45 19.03 -11.16 -1.64
CA SER A 45 18.29 -12.43 -1.37
C SER A 45 18.69 -13.41 -2.49
N CYS A 46 19.05 -14.62 -2.03
CA CYS A 46 19.51 -15.68 -2.98
C CYS A 46 18.68 -16.92 -3.02
N THR A 47 18.95 -17.60 -4.15
CA THR A 47 18.40 -18.90 -4.43
C THR A 47 19.59 -19.85 -4.48
N SER A 48 19.30 -21.19 -4.50
CA SER A 48 20.38 -22.19 -4.53
C SER A 48 21.23 -22.05 -5.75
N ALA A 49 20.58 -21.84 -6.87
CA ALA A 49 21.28 -21.57 -8.15
C ALA A 49 21.21 -20.08 -8.58
N PRO A 50 22.18 -19.62 -9.33
CA PRO A 50 22.14 -18.28 -9.90
C PRO A 50 20.96 -18.03 -10.71
N ARG A 51 20.51 -16.77 -10.74
CA ARG A 51 19.40 -16.35 -11.59
C ARG A 51 19.76 -15.10 -12.37
N ASP A 52 19.31 -15.03 -13.62
CA ASP A 52 19.46 -13.81 -14.41
C ASP A 52 18.41 -12.75 -14.07
N GLY A 53 17.27 -13.16 -13.53
CA GLY A 53 16.20 -12.22 -13.28
C GLY A 53 15.43 -11.91 -14.52
N ASN A 54 14.58 -10.88 -14.45
CA ASN A 54 13.70 -10.55 -15.51
C ASN A 54 14.34 -9.66 -16.50
N PRO A 55 13.67 -9.52 -17.70
CA PRO A 55 14.17 -8.59 -18.68
C PRO A 55 14.14 -7.12 -18.24
N GLU A 56 15.04 -6.35 -18.77
CA GLU A 56 15.17 -4.94 -18.51
C GLU A 56 14.34 -4.14 -19.52
N PRO A 57 13.85 -2.97 -19.15
CA PRO A 57 13.99 -2.31 -17.83
C PRO A 57 13.14 -2.98 -16.76
N ARG A 58 13.72 -3.10 -15.59
CA ARG A 58 13.12 -3.78 -14.45
C ARG A 58 13.15 -3.01 -13.09
N TYR A 59 13.80 -1.87 -13.10
CA TYR A 59 13.75 -0.90 -12.05
C TYR A 59 13.69 0.47 -12.65
N MET A 60 12.87 1.35 -12.04
CA MET A 60 12.88 2.75 -12.33
C MET A 60 12.57 3.60 -11.20
N ALA A 61 13.19 4.76 -11.06
CA ALA A 61 13.00 5.68 -9.97
C ALA A 61 12.52 7.01 -10.45
N PHE A 62 11.83 7.70 -9.54
CA PHE A 62 11.06 8.94 -9.74
C PHE A 62 11.20 9.77 -8.49
N PRO A 63 10.75 11.03 -8.52
CA PRO A 63 10.89 11.86 -7.34
C PRO A 63 10.25 11.30 -6.10
N LEU A 64 9.15 10.57 -6.24
CA LEU A 64 8.54 10.03 -5.04
C LEU A 64 8.89 8.57 -4.68
N GLY A 65 9.70 7.92 -5.51
CA GLY A 65 10.15 6.57 -5.15
C GLY A 65 10.42 5.73 -6.36
N SER A 66 10.34 4.44 -6.22
CA SER A 66 10.78 3.50 -7.23
C SER A 66 9.76 2.39 -7.42
N ILE A 67 9.86 1.73 -8.58
CA ILE A 67 9.15 0.52 -8.90
C ILE A 67 10.14 -0.53 -9.39
N ASN A 68 9.93 -1.78 -9.03
CA ASN A 68 10.82 -2.85 -9.50
C ASN A 68 10.10 -4.15 -9.58
N SER A 69 10.56 -4.89 -10.68
CA SER A 69 10.25 -6.33 -10.84
C SER A 69 11.49 -7.05 -11.24
N MET A 70 12.46 -7.11 -10.35
CA MET A 70 13.82 -7.53 -10.72
C MET A 70 13.79 -9.00 -11.09
N GLY A 71 12.99 -9.81 -10.44
CA GLY A 71 12.96 -11.26 -10.67
C GLY A 71 14.05 -12.00 -9.98
N LEU A 72 14.52 -11.45 -8.86
CA LEU A 72 15.55 -12.08 -8.03
C LEU A 72 16.81 -12.44 -8.78
N PRO A 73 17.39 -11.54 -9.56
CA PRO A 73 18.74 -11.75 -10.12
C PRO A 73 19.69 -11.92 -8.99
N ASN A 74 20.51 -12.99 -8.97
CA ASN A 74 21.49 -13.18 -7.92
C ASN A 74 22.55 -14.13 -8.37
N LEU A 75 23.66 -14.09 -7.67
CA LEU A 75 24.83 -14.93 -8.02
C LEU A 75 24.74 -16.36 -7.47
N GLY A 76 23.69 -16.70 -6.79
CA GLY A 76 23.50 -18.03 -6.17
C GLY A 76 24.09 -18.14 -4.76
N PHE A 77 23.43 -19.00 -4.01
CA PHE A 77 23.81 -19.18 -2.64
C PHE A 77 25.32 -19.49 -2.43
N ASP A 78 25.91 -20.35 -3.25
CA ASP A 78 27.29 -20.65 -3.08
C ASP A 78 28.23 -19.43 -3.01
N PHE A 79 27.91 -18.43 -3.86
CA PHE A 79 28.64 -17.20 -3.87
C PHE A 79 28.50 -16.43 -2.50
N TYR A 80 27.24 -16.23 -2.11
CA TYR A 80 27.02 -15.47 -0.92
C TYR A 80 27.54 -16.14 0.35
N LEU A 81 27.45 -17.49 0.37
CA LEU A 81 28.07 -18.23 1.47
C LEU A 81 29.59 -18.10 1.48
N LYS A 82 30.21 -18.18 0.29
CA LYS A 82 31.68 -17.93 0.19
C LYS A 82 32.06 -16.53 0.67
N TYR A 83 31.24 -15.54 0.30
CA TYR A 83 31.48 -14.21 0.76
C TYR A 83 31.44 -14.15 2.27
N ALA A 84 30.40 -14.72 2.88
CA ALA A 84 30.29 -14.71 4.33
C ALA A 84 31.46 -15.45 5.03
N SER A 85 31.88 -16.55 4.42
CA SER A 85 32.83 -17.48 5.07
C SER A 85 34.25 -17.05 4.89
N ASP A 86 34.58 -16.50 3.72
CA ASP A 86 35.96 -16.24 3.32
C ASP A 86 36.32 -14.83 3.01
N LEU A 87 35.37 -14.01 2.55
CA LEU A 87 35.71 -12.71 2.00
C LEU A 87 35.37 -11.50 2.91
N HIS A 88 34.26 -11.57 3.63
CA HIS A 88 33.83 -10.43 4.41
C HIS A 88 34.77 -10.16 5.54
N ASP A 89 35.06 -8.87 5.74
CA ASP A 89 35.84 -8.45 6.88
C ASP A 89 34.94 -8.07 8.08
N TYR A 90 34.78 -9.01 8.99
CA TYR A 90 33.91 -8.82 10.17
C TYR A 90 34.39 -7.73 11.17
N SER A 91 35.64 -7.36 11.02
CA SER A 91 36.21 -6.26 11.85
C SER A 91 35.62 -4.95 11.41
N LYS A 92 35.07 -4.86 10.19
CA LYS A 92 34.53 -3.61 9.70
C LYS A 92 33.07 -3.38 10.12
N LYS A 93 32.26 -4.43 10.00
CA LYS A 93 30.83 -4.35 10.41
C LYS A 93 30.20 -5.69 10.31
N PRO A 94 29.05 -5.91 10.93
CA PRO A 94 28.32 -7.19 10.76
C PRO A 94 27.73 -7.37 9.37
N LEU A 95 27.58 -8.65 9.04
CA LEU A 95 26.98 -9.08 7.79
C LEU A 95 25.73 -9.84 8.05
N PHE A 96 24.66 -9.51 7.29
CA PHE A 96 23.48 -10.27 7.19
C PHE A 96 23.42 -10.93 5.78
N LEU A 97 22.99 -12.18 5.71
CA LEU A 97 22.76 -12.86 4.47
C LEU A 97 21.29 -13.15 4.27
N SER A 98 20.72 -12.70 3.15
CA SER A 98 19.30 -12.89 2.88
C SER A 98 19.12 -14.06 1.99
N ILE A 99 18.15 -14.90 2.31
CA ILE A 99 17.77 -16.03 1.49
C ILE A 99 16.31 -15.96 1.08
N SER A 100 15.98 -16.37 -0.15
CA SER A 100 14.62 -16.41 -0.68
C SER A 100 14.48 -17.53 -1.68
N GLY A 101 14.49 -18.74 -1.14
CA GLY A 101 14.25 -19.90 -2.00
C GLY A 101 12.83 -19.96 -2.50
N LEU A 102 12.62 -20.77 -3.59
CA LEU A 102 11.31 -20.91 -4.27
C LEU A 102 10.46 -22.01 -3.67
N SER A 103 10.93 -22.69 -2.62
CA SER A 103 10.15 -23.67 -1.88
C SER A 103 10.69 -23.79 -0.51
N VAL A 104 9.93 -24.42 0.36
CA VAL A 104 10.44 -24.67 1.66
C VAL A 104 11.71 -25.53 1.66
N GLU A 105 11.72 -26.57 0.81
CA GLU A 105 12.86 -27.42 0.72
C GLU A 105 14.14 -26.76 0.28
N GLU A 106 14.02 -25.77 -0.62
CA GLU A 106 15.21 -25.05 -1.01
C GLU A 106 15.76 -24.19 0.14
N ASN A 107 14.82 -23.49 0.82
CA ASN A 107 15.25 -22.73 2.00
C ASN A 107 15.92 -23.60 3.04
N VAL A 108 15.36 -24.79 3.34
CA VAL A 108 15.95 -25.70 4.34
C VAL A 108 17.34 -26.14 3.93
N ALA A 109 17.49 -26.45 2.65
CA ALA A 109 18.79 -26.82 2.13
C ALA A 109 19.87 -25.80 2.27
N MET A 110 19.46 -24.53 2.02
CA MET A 110 20.41 -23.41 2.18
C MET A 110 20.75 -23.18 3.67
N VAL A 111 19.72 -23.14 4.53
CA VAL A 111 20.00 -22.83 5.93
C VAL A 111 20.85 -23.90 6.63
N ARG A 112 20.67 -25.19 6.20
CA ARG A 112 21.54 -26.21 6.80
C ARG A 112 23.02 -25.98 6.52
N ARG A 113 23.33 -25.42 5.34
CA ARG A 113 24.67 -25.03 4.99
C ARG A 113 25.18 -23.77 5.61
N LEU A 114 24.25 -22.80 5.78
CA LEU A 114 24.63 -21.59 6.42
C LEU A 114 24.96 -21.71 7.92
N ALA A 115 24.24 -22.62 8.59
CA ALA A 115 24.33 -22.72 10.05
C ALA A 115 25.79 -22.79 10.58
N PRO A 116 26.61 -23.75 10.00
CA PRO A 116 28.03 -23.77 10.44
C PRO A 116 28.86 -22.52 10.27
N VAL A 117 28.57 -21.78 9.16
CA VAL A 117 29.21 -20.51 8.94
C VAL A 117 28.71 -19.40 9.88
N ALA A 118 27.40 -19.43 10.20
CA ALA A 118 26.86 -18.54 11.21
C ALA A 118 27.54 -18.78 12.57
N GLN A 119 27.74 -20.08 12.93
CA GLN A 119 28.42 -20.38 14.20
C GLN A 119 29.87 -19.91 14.18
N GLU A 120 30.57 -20.14 13.11
CA GLU A 120 32.02 -19.85 13.00
C GLU A 120 32.30 -18.34 12.88
N LYS A 121 31.56 -17.64 12.03
CA LYS A 121 31.86 -16.27 11.64
C LYS A 121 30.85 -15.19 12.21
N GLY A 122 29.68 -15.64 12.61
CA GLY A 122 28.66 -14.74 13.10
C GLY A 122 27.78 -14.03 12.04
N VAL A 123 27.85 -14.42 10.79
CA VAL A 123 26.85 -13.95 9.79
C VAL A 123 25.45 -14.18 10.33
N LEU A 124 24.49 -13.26 10.00
CA LEU A 124 23.15 -13.30 10.51
C LEU A 124 22.19 -13.58 9.38
N LEU A 125 21.28 -14.50 9.51
CA LEU A 125 20.33 -14.81 8.46
C LEU A 125 19.07 -13.91 8.49
N GLU A 126 18.72 -13.33 7.34
CA GLU A 126 17.43 -12.69 7.08
C GLU A 126 16.68 -13.50 6.09
N LEU A 127 15.56 -14.11 6.47
CA LEU A 127 14.77 -14.95 5.62
C LEU A 127 13.70 -14.08 4.93
N ASN A 128 13.71 -13.97 3.61
CA ASN A 128 12.75 -13.15 2.86
C ASN A 128 11.51 -13.93 2.56
N LEU A 129 10.43 -13.65 3.25
CA LEU A 129 9.14 -14.32 3.12
C LEU A 129 8.23 -13.80 2.09
N SER A 130 8.71 -12.89 1.26
CA SER A 130 8.00 -12.47 0.04
C SER A 130 8.43 -13.30 -1.13
N CYS A 131 8.39 -14.59 -0.97
CA CYS A 131 8.93 -15.60 -1.91
C CYS A 131 7.70 -16.34 -2.46
N PRO A 132 7.91 -17.01 -3.58
CA PRO A 132 6.70 -17.51 -4.21
C PRO A 132 6.19 -18.76 -3.50
N ASN A 133 4.92 -19.00 -3.76
CA ASN A 133 4.21 -20.02 -3.07
C ASN A 133 3.71 -21.04 -4.10
N VAL A 134 2.89 -21.94 -3.60
CA VAL A 134 2.35 -23.00 -4.46
C VAL A 134 1.27 -22.40 -5.36
N PRO A 135 0.81 -23.18 -6.37
CA PRO A 135 -0.10 -22.51 -7.29
C PRO A 135 -1.37 -21.99 -6.70
N GLY A 136 -1.74 -20.81 -7.23
CA GLY A 136 -2.99 -20.09 -6.88
C GLY A 136 -2.97 -19.31 -5.57
N LYS A 137 -1.88 -19.38 -4.82
CA LYS A 137 -1.73 -18.79 -3.50
C LYS A 137 -0.86 -17.53 -3.63
N PRO A 138 -1.08 -16.58 -2.70
CA PRO A 138 -0.27 -15.40 -2.69
C PRO A 138 1.12 -15.67 -2.14
N GLN A 139 1.97 -14.68 -2.15
CA GLN A 139 3.29 -14.84 -1.55
C GLN A 139 3.18 -15.48 -0.19
N VAL A 140 4.26 -16.16 0.19
CA VAL A 140 4.28 -16.89 1.41
C VAL A 140 3.81 -16.10 2.62
N ALA A 141 4.30 -14.86 2.81
CA ALA A 141 3.91 -14.12 4.06
C ALA A 141 2.51 -13.64 4.04
N TYR A 142 1.78 -13.74 2.88
CA TYR A 142 0.37 -13.46 2.79
C TYR A 142 -0.50 -14.73 2.92
N ASP A 143 0.13 -15.87 3.18
CA ASP A 143 -0.54 -17.21 3.35
C ASP A 143 -0.02 -17.67 4.70
N PHE A 144 -0.79 -17.40 5.74
CA PHE A 144 -0.31 -17.58 7.15
C PHE A 144 0.04 -19.06 7.46
N GLU A 145 -0.70 -20.00 6.88
CA GLU A 145 -0.33 -21.41 7.11
C GLU A 145 0.97 -21.75 6.40
N ALA A 146 1.24 -21.23 5.22
CA ALA A 146 2.53 -21.41 4.56
C ALA A 146 3.68 -20.78 5.41
N MET A 147 3.41 -19.60 5.93
CA MET A 147 4.44 -18.90 6.68
C MET A 147 4.85 -19.72 7.91
N ARG A 148 3.86 -20.28 8.58
CA ARG A 148 4.07 -21.11 9.76
C ARG A 148 4.91 -22.34 9.38
N THR A 149 4.57 -22.96 8.28
CA THR A 149 5.37 -24.13 7.78
C THR A 149 6.80 -23.77 7.48
N TYR A 150 7.00 -22.65 6.81
CA TYR A 150 8.33 -22.20 6.48
C TYR A 150 9.15 -22.00 7.76
N LEU A 151 8.57 -21.26 8.70
CA LEU A 151 9.26 -20.98 9.93
C LEU A 151 9.54 -22.18 10.77
N GLN A 152 8.59 -23.10 10.75
CA GLN A 152 8.83 -24.39 11.53
C GLN A 152 10.00 -25.16 10.89
N GLN A 153 10.03 -25.23 9.59
CA GLN A 153 11.09 -26.00 8.90
C GLN A 153 12.45 -25.31 8.95
N VAL A 154 12.47 -23.99 8.82
CA VAL A 154 13.71 -23.30 8.92
C VAL A 154 14.25 -23.30 10.32
N SER A 155 13.43 -23.11 11.33
CA SER A 155 13.86 -23.14 12.71
C SER A 155 14.51 -24.50 13.07
N LEU A 156 13.87 -25.56 12.59
CA LEU A 156 14.39 -26.93 12.87
C LEU A 156 15.73 -27.14 12.12
N ALA A 157 15.79 -26.75 10.87
CA ALA A 157 16.97 -26.93 10.04
C ALA A 157 18.19 -26.05 10.41
N TYR A 158 17.88 -24.82 10.89
CA TYR A 158 18.93 -23.88 11.14
C TYR A 158 19.35 -23.90 12.60
N GLY A 159 18.40 -23.83 13.53
CA GLY A 159 18.66 -23.98 14.92
C GLY A 159 19.31 -22.82 15.64
N LEU A 160 19.46 -21.67 14.98
CA LEU A 160 20.16 -20.53 15.50
C LEU A 160 19.22 -19.31 15.30
N PRO A 161 19.45 -18.25 16.08
CA PRO A 161 18.67 -16.99 15.92
C PRO A 161 18.77 -16.51 14.46
N PHE A 162 17.62 -16.08 13.96
CA PHE A 162 17.50 -15.51 12.60
C PHE A 162 16.39 -14.44 12.61
N GLY A 163 16.30 -13.78 11.50
CA GLY A 163 15.20 -12.83 11.26
C GLY A 163 14.46 -13.06 10.01
N VAL A 164 13.35 -12.33 9.90
CA VAL A 164 12.48 -12.44 8.76
C VAL A 164 12.16 -11.08 8.14
N LYS A 165 12.17 -11.01 6.82
CA LYS A 165 11.77 -9.85 6.07
C LYS A 165 10.32 -10.06 5.65
N MET A 166 9.47 -9.09 6.05
CA MET A 166 8.05 -9.12 5.84
C MET A 166 7.54 -8.12 4.83
N PRO A 167 6.53 -8.50 4.03
CA PRO A 167 5.80 -7.51 3.28
C PRO A 167 4.92 -6.69 4.19
N PRO A 168 4.47 -5.52 3.67
CA PRO A 168 3.53 -4.75 4.40
C PRO A 168 2.16 -5.39 4.49
N TYR A 169 1.48 -5.17 5.59
CA TYR A 169 0.06 -5.49 5.78
C TYR A 169 -0.73 -4.22 5.96
N PHE A 170 -2.04 -4.34 5.71
CA PHE A 170 -2.93 -3.17 5.60
C PHE A 170 -4.20 -3.35 6.38
N ASP A 171 -4.30 -4.35 7.25
CA ASP A 171 -5.53 -4.64 7.97
C ASP A 171 -5.06 -5.04 9.37
N ILE A 172 -5.72 -4.55 10.40
CA ILE A 172 -5.33 -4.85 11.79
C ILE A 172 -5.46 -6.32 12.13
N ALA A 173 -6.46 -6.99 11.60
CA ALA A 173 -6.57 -8.46 11.77
C ALA A 173 -5.34 -9.13 11.22
N HIS A 174 -4.83 -8.68 10.07
CA HIS A 174 -3.66 -9.30 9.53
C HIS A 174 -2.41 -9.03 10.39
N PHE A 175 -2.25 -7.83 10.94
CA PHE A 175 -1.16 -7.56 11.90
C PHE A 175 -1.24 -8.59 13.08
N ASP A 176 -2.47 -8.74 13.59
CA ASP A 176 -2.65 -9.67 14.72
C ASP A 176 -2.26 -11.10 14.32
N THR A 177 -2.70 -11.60 13.18
CA THR A 177 -2.42 -12.93 12.81
C THR A 177 -0.95 -13.13 12.54
N ALA A 178 -0.36 -12.20 11.76
CA ALA A 178 1.05 -12.37 11.40
C ALA A 178 1.93 -12.34 12.57
N ALA A 179 1.76 -11.40 13.52
CA ALA A 179 2.62 -11.32 14.65
C ALA A 179 2.48 -12.58 15.54
N ALA A 180 1.25 -13.07 15.61
CA ALA A 180 1.02 -14.31 16.35
C ALA A 180 1.77 -15.45 15.75
N VAL A 181 1.84 -15.58 14.43
CA VAL A 181 2.64 -16.61 13.80
C VAL A 181 4.09 -16.43 14.19
N LEU A 182 4.65 -15.20 14.09
CA LEU A 182 6.05 -15.02 14.35
C LEU A 182 6.37 -15.30 15.77
N ASN A 183 5.48 -14.99 16.68
CA ASN A 183 5.73 -15.21 18.10
C ASN A 183 5.72 -16.72 18.50
N GLU A 184 5.28 -17.55 17.60
CA GLU A 184 5.43 -19.06 17.81
C GLU A 184 6.81 -19.54 17.69
N PHE A 185 7.72 -18.69 17.17
CA PHE A 185 9.14 -19.11 16.86
C PHE A 185 10.13 -18.34 17.64
N PRO A 186 10.65 -18.89 18.74
CA PRO A 186 11.59 -18.19 19.52
C PRO A 186 12.93 -17.88 18.84
N LEU A 187 13.26 -18.62 17.80
CA LEU A 187 14.47 -18.34 17.11
C LEU A 187 14.36 -17.13 16.19
N VAL A 188 13.15 -16.69 15.96
CA VAL A 188 12.97 -15.44 15.15
C VAL A 188 13.21 -14.26 16.02
N LYS A 189 14.39 -13.70 15.97
CA LYS A 189 14.83 -12.67 16.88
C LYS A 189 14.68 -11.21 16.36
N PHE A 190 14.53 -11.10 15.05
CA PHE A 190 14.21 -9.76 14.43
C PHE A 190 13.26 -9.93 13.29
N VAL A 191 12.48 -8.87 13.07
CA VAL A 191 11.47 -8.77 12.05
C VAL A 191 11.82 -7.50 11.29
N THR A 192 11.98 -7.61 9.99
CA THR A 192 12.25 -6.42 9.16
C THR A 192 10.99 -6.02 8.41
N CYS A 193 10.53 -4.82 8.70
CA CYS A 193 9.25 -4.28 8.16
C CYS A 193 9.65 -3.01 7.43
N VAL A 194 9.56 -2.89 6.08
CA VAL A 194 8.84 -3.75 5.15
C VAL A 194 9.60 -3.93 3.85
N ASN A 195 9.21 -5.02 3.18
CA ASN A 195 9.46 -5.17 1.74
C ASN A 195 8.67 -4.15 0.93
N SER A 196 8.90 -4.06 -0.36
CA SER A 196 8.18 -3.19 -1.23
C SER A 196 6.67 -3.43 -1.14
N VAL A 197 5.95 -2.33 -1.39
CA VAL A 197 4.48 -2.38 -1.49
C VAL A 197 4.09 -3.02 -2.85
N GLY A 198 3.53 -4.20 -2.83
CA GLY A 198 3.45 -5.06 -3.99
C GLY A 198 2.54 -4.53 -5.09
N ASN A 199 3.03 -4.78 -6.33
CA ASN A 199 2.23 -4.68 -7.50
C ASN A 199 1.51 -3.32 -7.67
N GLY A 200 2.32 -2.27 -7.55
CA GLY A 200 1.92 -0.98 -8.07
C GLY A 200 2.18 -0.84 -9.55
N LEU A 201 1.78 0.26 -10.14
CA LEU A 201 1.89 0.47 -11.62
C LEU A 201 2.16 1.89 -11.82
N VAL A 202 3.34 2.20 -12.37
CA VAL A 202 3.74 3.53 -12.81
C VAL A 202 3.54 3.65 -14.34
N ILE A 203 2.88 4.74 -14.73
CA ILE A 203 2.59 5.03 -16.16
C ILE A 203 3.19 6.39 -16.51
N ASP A 204 3.87 6.46 -17.63
CA ASP A 204 4.42 7.71 -18.17
C ASP A 204 3.41 8.40 -19.07
N ALA A 205 2.99 9.59 -18.71
CA ALA A 205 1.98 10.27 -19.51
C ALA A 205 2.43 10.61 -20.93
N GLU A 206 3.66 11.03 -21.13
CA GLU A 206 4.07 11.39 -22.49
C GLU A 206 4.01 10.21 -23.45
N SER A 207 4.59 9.09 -23.04
CA SER A 207 4.67 7.92 -23.86
C SER A 207 3.47 7.04 -23.83
N GLU A 208 2.65 7.28 -22.79
CA GLU A 208 1.41 6.51 -22.59
C GLU A 208 1.69 5.06 -22.25
N SER A 209 2.84 4.81 -21.66
CA SER A 209 3.38 3.47 -21.43
C SER A 209 3.72 3.23 -19.98
N VAL A 210 3.64 1.98 -19.59
CA VAL A 210 4.32 1.54 -18.39
C VAL A 210 5.83 1.70 -18.50
N VAL A 211 6.53 1.70 -17.36
CA VAL A 211 7.96 2.06 -17.29
C VAL A 211 8.91 0.89 -17.02
N ILE A 212 8.37 -0.24 -16.60
CA ILE A 212 9.13 -1.45 -16.56
C ILE A 212 8.51 -2.56 -17.42
N LYS A 213 9.37 -3.39 -17.94
CA LYS A 213 9.00 -4.46 -18.94
C LYS A 213 8.30 -5.65 -18.34
N PRO A 214 8.80 -6.28 -17.23
CA PRO A 214 8.12 -7.45 -16.69
C PRO A 214 6.73 -7.19 -16.17
N LYS A 215 5.91 -8.22 -16.18
CA LYS A 215 4.59 -8.17 -15.51
C LYS A 215 3.72 -7.00 -15.97
N GLN A 216 3.76 -6.69 -17.27
CA GLN A 216 2.95 -5.65 -17.85
C GLN A 216 3.08 -4.34 -17.06
N GLY A 217 4.22 -4.08 -16.49
CA GLY A 217 4.57 -2.84 -15.82
C GLY A 217 4.34 -2.88 -14.30
N PHE A 218 3.75 -3.93 -13.76
CA PHE A 218 3.45 -4.02 -12.34
C PHE A 218 4.73 -4.36 -11.60
N GLY A 219 4.99 -3.75 -10.43
CA GLY A 219 6.14 -4.05 -9.59
C GLY A 219 5.99 -3.45 -8.21
N GLY A 220 6.95 -3.79 -7.40
CA GLY A 220 6.89 -3.35 -6.03
C GLY A 220 7.37 -1.94 -5.92
N LEU A 221 6.72 -1.20 -5.01
CA LEU A 221 7.01 0.20 -4.76
C LEU A 221 7.89 0.39 -3.55
N GLY A 222 8.81 1.33 -3.71
CA GLY A 222 9.63 1.77 -2.58
C GLY A 222 9.71 3.30 -2.57
N GLY A 223 10.36 3.84 -1.53
CA GLY A 223 10.59 5.25 -1.43
C GLY A 223 9.52 6.06 -0.72
N LYS A 224 9.35 7.35 -1.17
CA LYS A 224 8.48 8.24 -0.41
C LYS A 224 7.06 7.77 -0.39
N TYR A 225 6.62 7.04 -1.41
CA TYR A 225 5.26 6.54 -1.46
C TYR A 225 4.91 5.72 -0.20
N ILE A 226 5.89 5.00 0.36
CA ILE A 226 5.67 3.92 1.33
C ILE A 226 6.02 4.21 2.80
N LEU A 227 6.45 5.43 3.09
CA LEU A 227 6.91 5.70 4.44
C LEU A 227 5.79 5.51 5.49
N PRO A 228 4.56 6.06 5.31
CA PRO A 228 3.56 5.83 6.37
C PRO A 228 3.17 4.33 6.52
N THR A 229 3.14 3.61 5.40
CA THR A 229 2.94 2.18 5.41
C THR A 229 4.02 1.48 6.22
N ALA A 230 5.26 1.81 5.93
CA ALA A 230 6.41 1.26 6.64
C ALA A 230 6.35 1.52 8.13
N LEU A 231 6.11 2.77 8.52
CA LEU A 231 6.05 3.13 9.94
C LEU A 231 4.95 2.36 10.66
N ALA A 232 3.78 2.24 9.99
CA ALA A 232 2.67 1.45 10.56
C ALA A 232 3.08 0.02 10.85
N ASN A 233 3.73 -0.61 9.89
CA ASN A 233 4.12 -1.99 10.07
C ASN A 233 5.20 -2.14 11.18
N VAL A 234 6.18 -1.23 11.15
CA VAL A 234 7.18 -1.26 12.22
C VAL A 234 6.50 -1.18 13.58
N ASN A 235 5.59 -0.21 13.72
CA ASN A 235 4.98 0.01 15.06
C ASN A 235 4.07 -1.16 15.40
N ALA A 236 3.32 -1.69 14.42
CA ALA A 236 2.40 -2.78 14.72
C ALA A 236 3.13 -3.96 15.20
N PHE A 237 4.26 -4.33 14.62
CA PHE A 237 5.07 -5.48 15.05
C PHE A 237 5.86 -5.15 16.31
N TYR A 238 6.31 -3.92 16.47
CA TYR A 238 6.96 -3.50 17.73
C TYR A 238 6.05 -3.77 18.92
N ARG A 239 4.80 -3.33 18.77
CA ARG A 239 3.77 -3.55 19.81
C ARG A 239 3.50 -5.01 20.01
N ARG A 240 3.39 -5.81 19.00
CA ARG A 240 2.96 -7.19 19.09
C ARG A 240 4.07 -8.18 19.43
N CYS A 241 5.31 -7.82 19.20
CA CYS A 241 6.43 -8.77 19.37
C CYS A 241 7.41 -8.14 20.35
N PRO A 242 7.04 -8.00 21.66
CA PRO A 242 7.90 -7.40 22.65
C PRO A 242 9.19 -8.14 22.88
N ASP A 243 9.30 -9.43 22.61
CA ASP A 243 10.52 -10.17 22.80
C ASP A 243 11.38 -10.31 21.58
N LYS A 244 11.07 -9.57 20.50
CA LYS A 244 11.84 -9.53 19.29
C LYS A 244 12.32 -8.08 19.03
N LEU A 245 13.29 -7.94 18.16
CA LEU A 245 13.70 -6.66 17.60
C LEU A 245 12.88 -6.47 16.30
N VAL A 246 12.63 -5.18 15.94
CA VAL A 246 12.05 -4.79 14.65
C VAL A 246 13.06 -3.95 13.97
N PHE A 247 13.32 -4.23 12.71
CA PHE A 247 14.16 -3.42 11.85
C PHE A 247 13.28 -2.70 10.87
N GLY A 248 13.45 -1.41 10.72
CA GLY A 248 12.63 -0.61 9.84
C GLY A 248 13.21 -0.51 8.46
N CYS A 249 12.40 -0.58 7.44
CA CYS A 249 12.77 -0.37 6.07
C CYS A 249 11.57 0.24 5.35
N GLY A 250 11.79 1.30 4.62
CA GLY A 250 10.77 1.88 3.74
C GLY A 250 10.75 3.38 3.83
N GLY A 251 11.08 4.07 2.76
CA GLY A 251 10.91 5.50 2.70
C GLY A 251 11.94 6.30 3.41
N VAL A 252 13.10 5.71 3.75
CA VAL A 252 14.14 6.49 4.45
C VAL A 252 14.97 7.29 3.41
N TYR A 253 14.89 8.63 3.48
CA TYR A 253 15.74 9.52 2.69
C TYR A 253 16.51 10.44 3.53
N SER A 254 16.25 10.52 4.78
CA SER A 254 16.82 11.57 5.69
C SER A 254 16.96 11.04 7.06
N GLY A 255 17.78 11.71 7.88
CA GLY A 255 17.83 11.35 9.28
C GLY A 255 16.49 11.60 9.99
N GLU A 256 15.67 12.53 9.55
CA GLU A 256 14.33 12.69 10.12
C GLU A 256 13.48 11.47 9.83
N ASP A 257 13.54 10.93 8.63
CA ASP A 257 12.80 9.72 8.36
C ASP A 257 13.29 8.54 9.20
N ALA A 258 14.61 8.39 9.40
CA ALA A 258 15.17 7.42 10.33
C ALA A 258 14.64 7.58 11.76
N PHE A 259 14.65 8.85 12.19
CA PHE A 259 14.14 9.18 13.53
C PHE A 259 12.69 8.67 13.74
N LEU A 260 11.86 8.85 12.70
CA LEU A 260 10.50 8.38 12.73
C LEU A 260 10.42 6.85 12.84
N HIS A 261 11.24 6.16 12.06
CA HIS A 261 11.31 4.73 12.15
C HIS A 261 11.71 4.26 13.58
N ILE A 262 12.71 4.93 14.18
CA ILE A 262 13.13 4.56 15.50
C ILE A 262 12.03 4.89 16.55
N LEU A 263 11.40 6.04 16.44
CA LEU A 263 10.29 6.32 17.31
C LEU A 263 9.18 5.30 17.24
N ALA A 264 8.96 4.74 16.04
CA ALA A 264 7.98 3.68 15.84
C ALA A 264 8.37 2.34 16.39
N GLY A 265 9.67 2.18 16.66
CA GLY A 265 10.17 0.92 17.25
C GLY A 265 11.44 0.33 16.62
N ALA A 266 11.96 0.89 15.52
CA ALA A 266 13.10 0.29 14.84
C ALA A 266 14.36 0.29 15.63
N SER A 267 15.07 -0.85 15.56
CA SER A 267 16.44 -1.00 16.03
C SER A 267 17.43 -0.69 14.97
N MET A 268 17.42 -1.38 13.87
CA MET A 268 18.21 -1.01 12.67
C MET A 268 17.22 -0.35 11.71
N VAL A 269 17.82 0.46 10.80
CA VAL A 269 17.06 1.21 9.79
C VAL A 269 17.76 0.93 8.45
N GLN A 270 17.03 0.36 7.53
CA GLN A 270 17.49 -0.04 6.23
C GLN A 270 17.10 0.98 5.19
N VAL A 271 17.97 1.12 4.17
CA VAL A 271 17.76 2.15 3.13
C VAL A 271 17.84 1.48 1.74
N GLY A 272 16.76 1.53 0.95
CA GLY A 272 16.65 0.92 -0.32
C GLY A 272 16.76 1.91 -1.43
N THR A 273 15.59 2.40 -1.86
CA THR A 273 15.48 3.33 -2.96
C THR A 273 16.40 4.49 -2.82
N ALA A 274 16.47 5.15 -1.66
CA ALA A 274 17.36 6.35 -1.55
C ALA A 274 18.83 6.04 -1.73
N LEU A 275 19.24 4.86 -1.28
CA LEU A 275 20.61 4.37 -1.48
C LEU A 275 20.87 4.08 -2.94
N GLN A 276 19.92 3.40 -3.61
CA GLN A 276 20.04 3.15 -5.05
C GLN A 276 20.18 4.47 -5.78
N GLU A 277 19.49 5.54 -5.39
CA GLU A 277 19.53 6.79 -6.09
C GLU A 277 20.71 7.65 -5.72
N GLU A 278 21.14 7.68 -4.47
CA GLU A 278 22.16 8.64 -4.05
C GLU A 278 23.53 8.00 -3.91
N GLY A 279 23.57 6.69 -3.71
CA GLY A 279 24.80 5.96 -3.52
C GLY A 279 25.21 5.94 -2.04
N PRO A 280 26.35 5.26 -1.72
CA PRO A 280 26.76 4.95 -0.34
C PRO A 280 27.12 6.10 0.53
N GLY A 281 27.44 7.25 -0.12
CA GLY A 281 27.61 8.52 0.58
C GLY A 281 26.39 8.88 1.44
N ILE A 282 25.21 8.33 1.14
CA ILE A 282 24.04 8.66 1.88
C ILE A 282 24.23 8.32 3.34
N PHE A 283 25.03 7.31 3.71
CA PHE A 283 25.16 6.91 5.12
C PHE A 283 25.74 7.99 5.95
N THR A 284 26.73 8.71 5.48
CA THR A 284 27.32 9.77 6.35
C THR A 284 26.29 10.85 6.52
N ARG A 285 25.50 11.21 5.51
CA ARG A 285 24.46 12.22 5.61
C ARG A 285 23.38 11.81 6.59
N LEU A 286 22.92 10.56 6.51
CA LEU A 286 21.94 10.09 7.45
C LEU A 286 22.37 10.12 8.87
N GLU A 287 23.59 9.66 9.11
CA GLU A 287 24.09 9.71 10.48
C GLU A 287 24.17 11.16 10.96
N ASP A 288 24.66 12.06 10.15
CA ASP A 288 24.88 13.44 10.66
C ASP A 288 23.48 14.02 10.95
N GLU A 289 22.51 13.77 10.08
CA GLU A 289 21.17 14.33 10.23
C GLU A 289 20.49 13.72 11.48
N LEU A 290 20.60 12.44 11.70
CA LEU A 290 20.04 11.80 12.93
C LEU A 290 20.68 12.40 14.17
N LEU A 291 21.98 12.52 14.21
CA LEU A 291 22.67 13.11 15.40
C LEU A 291 22.20 14.52 15.60
N GLU A 292 21.94 15.27 14.54
CA GLU A 292 21.51 16.65 14.66
C GLU A 292 20.16 16.72 15.30
N ILE A 293 19.23 15.94 14.86
CA ILE A 293 17.88 15.91 15.46
C ILE A 293 17.96 15.51 16.90
N MET A 294 18.74 14.49 17.23
CA MET A 294 18.95 14.06 18.64
C MET A 294 19.51 15.23 19.45
N ALA A 295 20.47 15.94 18.92
CA ALA A 295 21.09 17.02 19.72
C ALA A 295 20.04 18.11 19.95
N ARG A 296 19.26 18.47 18.93
CA ARG A 296 18.23 19.50 19.08
C ARG A 296 17.23 19.17 20.19
N LYS A 297 16.91 17.89 20.31
CA LYS A 297 15.98 17.35 21.26
C LYS A 297 16.51 17.03 22.62
N GLY A 298 17.84 17.01 22.77
CA GLY A 298 18.46 16.58 24.03
C GLY A 298 18.54 15.08 24.21
N TYR A 299 18.43 14.27 23.14
CA TYR A 299 18.61 12.85 23.28
C TYR A 299 20.06 12.46 23.07
N ARG A 300 20.56 11.65 23.96
CA ARG A 300 21.91 11.16 23.96
C ARG A 300 22.05 9.73 23.40
N THR A 301 20.96 8.94 23.40
CA THR A 301 20.98 7.54 23.04
C THR A 301 19.72 7.32 22.19
N LEU A 302 19.81 6.27 21.39
CA LEU A 302 18.68 5.75 20.64
C LEU A 302 17.67 5.18 21.56
N GLU A 303 18.10 4.52 22.61
CA GLU A 303 17.20 3.88 23.55
C GLU A 303 16.28 4.85 24.28
N GLU A 304 16.66 6.10 24.40
CA GLU A 304 15.80 7.12 25.02
C GLU A 304 14.50 7.36 24.29
N PHE A 305 14.47 7.11 22.97
CA PHE A 305 13.25 7.38 22.19
C PHE A 305 12.76 6.22 21.32
N ARG A 306 13.48 5.12 21.24
CA ARG A 306 13.01 4.00 20.45
C ARG A 306 11.65 3.48 20.94
N GLY A 307 10.70 3.42 20.03
CA GLY A 307 9.34 2.95 20.32
C GLY A 307 8.51 3.91 21.11
N ARG A 308 8.99 5.08 21.35
CA ARG A 308 8.29 6.06 22.21
C ARG A 308 7.43 7.02 21.49
N VAL A 309 6.99 6.71 20.28
CA VAL A 309 5.97 7.49 19.60
C VAL A 309 4.78 7.67 20.56
N LYS A 310 4.36 8.89 20.62
CA LYS A 310 3.17 9.27 21.40
C LYS A 310 1.84 9.10 20.68
N THR A 311 0.84 8.62 21.40
CA THR A 311 -0.55 8.55 20.90
C THR A 311 -1.29 9.73 21.46
N ILE A 312 -2.45 10.06 20.91
CA ILE A 312 -3.36 11.14 21.41
C ILE A 312 -4.41 10.55 22.34
N GLU A 313 -4.40 11.00 23.60
CA GLU A 313 -5.09 10.31 24.72
C GLU A 313 -5.63 8.89 24.46
N MET B 1 -13.27 18.67 -29.33
CA MET B 1 -12.72 17.85 -28.16
C MET B 1 -13.71 17.77 -27.03
N CYS B 2 -13.97 16.60 -26.46
CA CYS B 2 -14.95 16.57 -25.38
C CYS B 2 -14.71 15.49 -24.35
N LEU B 3 -15.15 15.84 -23.16
CA LEU B 3 -15.07 15.01 -21.98
C LEU B 3 -16.28 14.20 -21.68
N LYS B 4 -17.27 14.25 -22.56
CA LYS B 4 -18.56 13.59 -22.32
C LYS B 4 -18.44 12.08 -22.22
N LEU B 5 -19.25 11.48 -21.36
CA LEU B 5 -19.41 10.05 -21.24
C LEU B 5 -20.87 9.64 -21.17
N ASN B 6 -21.23 8.51 -21.70
CA ASN B 6 -22.57 7.97 -21.57
C ASN B 6 -22.35 6.56 -21.11
N LEU B 7 -22.70 6.32 -19.87
CA LEU B 7 -22.63 5.00 -19.25
C LEU B 7 -23.69 4.79 -18.23
N LEU B 8 -23.95 3.52 -17.98
CA LEU B 8 -24.96 3.12 -17.00
C LEU B 8 -26.29 3.81 -17.26
N ASP B 9 -26.60 4.04 -18.53
CA ASP B 9 -27.82 4.74 -18.92
C ASP B 9 -27.97 6.18 -18.46
N HIS B 10 -26.84 6.81 -18.19
CA HIS B 10 -26.74 8.19 -17.81
C HIS B 10 -25.73 8.92 -18.64
N VAL B 11 -25.89 10.23 -18.74
CA VAL B 11 -24.98 11.11 -19.46
C VAL B 11 -24.23 11.95 -18.42
N PHE B 12 -22.90 12.05 -18.65
CA PHE B 12 -21.97 12.73 -17.76
C PHE B 12 -21.26 13.81 -18.58
N ALA B 13 -21.23 15.05 -18.10
CA ALA B 13 -20.53 16.07 -18.87
C ALA B 13 -19.00 15.87 -18.92
N ASN B 14 -18.50 15.19 -17.90
CA ASN B 14 -17.07 14.94 -17.75
C ASN B 14 -16.91 13.82 -16.76
N PRO B 15 -15.73 13.19 -16.68
CA PRO B 15 -15.59 11.99 -15.86
C PRO B 15 -15.37 12.25 -14.37
N PHE B 16 -15.26 13.51 -13.98
CA PHE B 16 -14.88 13.84 -12.62
C PHE B 16 -16.02 13.83 -11.61
N MET B 17 -15.74 13.31 -10.42
CA MET B 17 -16.69 13.33 -9.35
C MET B 17 -15.92 13.32 -8.01
N ASN B 18 -16.55 13.63 -6.90
CA ASN B 18 -15.95 13.41 -5.59
C ASN B 18 -15.76 11.96 -5.34
N ALA B 19 -14.76 11.65 -4.49
CA ALA B 19 -14.70 10.33 -3.85
C ALA B 19 -15.64 10.27 -2.64
N ALA B 20 -16.25 9.13 -2.43
CA ALA B 20 -17.12 8.99 -1.29
C ALA B 20 -16.40 9.37 -0.02
N GLY B 21 -17.12 10.12 0.82
CA GLY B 21 -16.62 10.59 2.06
C GLY B 21 -16.16 12.02 2.04
N VAL B 22 -15.77 12.52 0.89
CA VAL B 22 -15.28 13.93 0.79
C VAL B 22 -16.39 14.80 0.18
N LEU B 23 -16.68 15.91 0.90
CA LEU B 23 -17.65 16.92 0.45
C LEU B 23 -19.01 16.33 0.07
N CYS B 24 -19.54 15.48 0.98
CA CYS B 24 -20.74 14.78 0.61
C CYS B 24 -21.59 14.23 1.74
N SER B 25 -21.36 14.69 2.95
CA SER B 25 -22.02 14.22 4.17
C SER B 25 -23.34 14.91 4.46
N THR B 26 -23.49 16.19 4.27
CA THR B 26 -24.66 16.95 4.61
C THR B 26 -25.36 17.46 3.38
N GLU B 27 -26.59 17.94 3.52
CA GLU B 27 -27.30 18.54 2.41
C GLU B 27 -26.47 19.71 1.81
N GLU B 28 -25.86 20.54 2.67
CA GLU B 28 -25.02 21.60 2.23
C GLU B 28 -23.88 21.05 1.32
N ASP B 29 -23.22 20.01 1.75
CA ASP B 29 -22.14 19.42 0.96
C ASP B 29 -22.63 18.93 -0.40
N LEU B 30 -23.79 18.26 -0.41
CA LEU B 30 -24.33 17.70 -1.67
C LEU B 30 -24.76 18.75 -2.60
N ARG B 31 -25.35 19.83 -2.07
CA ARG B 31 -25.70 21.00 -2.87
C ARG B 31 -24.44 21.66 -3.45
N CYS B 32 -23.34 21.72 -2.69
CA CYS B 32 -22.05 22.22 -3.17
C CYS B 32 -21.49 21.41 -4.31
N MET B 33 -21.49 20.13 -4.11
CA MET B 33 -21.02 19.24 -5.17
C MET B 33 -21.86 19.34 -6.42
N THR B 34 -23.19 19.49 -6.23
CA THR B 34 -24.12 19.64 -7.36
C THR B 34 -23.81 20.93 -8.12
N ALA B 35 -23.53 22.03 -7.42
CA ALA B 35 -23.26 23.32 -8.04
C ALA B 35 -21.91 23.41 -8.75
N SER B 36 -21.00 22.48 -8.39
CA SER B 36 -19.67 22.41 -9.01
C SER B 36 -19.69 21.98 -10.45
N SER B 37 -18.46 22.05 -11.04
CA SER B 37 -18.38 21.60 -12.45
C SER B 37 -18.15 20.14 -12.54
N SER B 38 -18.27 19.36 -11.50
CA SER B 38 -18.04 17.90 -11.61
C SER B 38 -19.08 17.25 -12.48
N GLY B 39 -18.75 16.13 -13.07
CA GLY B 39 -19.68 15.41 -13.91
C GLY B 39 -20.70 14.59 -13.15
N ALA B 40 -20.40 14.28 -11.90
CA ALA B 40 -21.30 13.53 -11.01
C ALA B 40 -20.93 13.79 -9.57
N LEU B 41 -21.70 13.22 -8.66
CA LEU B 41 -21.39 13.26 -7.28
C LEU B 41 -21.81 11.95 -6.62
N VAL B 42 -21.18 11.61 -5.49
CA VAL B 42 -21.51 10.45 -4.63
C VAL B 42 -21.72 10.91 -3.23
N SER B 43 -22.72 10.38 -2.55
CA SER B 43 -22.95 10.70 -1.15
C SER B 43 -22.14 9.93 -0.24
N LYS B 44 -21.85 10.38 1.00
CA LYS B 44 -21.09 9.69 2.03
C LYS B 44 -21.63 8.31 2.25
N SER B 45 -20.73 7.33 2.42
CA SER B 45 -21.19 5.95 2.72
C SER B 45 -21.95 5.99 4.02
N CYS B 46 -23.15 5.38 3.95
CA CYS B 46 -24.08 5.45 5.13
C CYS B 46 -24.42 4.11 5.72
N THR B 47 -24.86 4.27 6.99
CA THR B 47 -25.45 3.18 7.81
C THR B 47 -26.93 3.44 7.95
N SER B 48 -27.65 2.44 8.46
CA SER B 48 -29.04 2.77 8.66
C SER B 48 -29.32 3.82 9.74
N ALA B 49 -28.52 3.80 10.79
CA ALA B 49 -28.60 4.84 11.80
C ALA B 49 -27.53 5.89 11.60
N PRO B 50 -27.82 7.11 12.00
CA PRO B 50 -26.76 8.13 12.06
C PRO B 50 -25.60 7.71 12.95
N ARG B 51 -24.37 8.18 12.63
CA ARG B 51 -23.20 7.95 13.40
C ARG B 51 -22.46 9.28 13.57
N ASP B 52 -21.90 9.46 14.79
CA ASP B 52 -21.03 10.58 15.08
C ASP B 52 -19.61 10.33 14.57
N GLY B 53 -19.22 9.06 14.41
CA GLY B 53 -17.85 8.80 14.04
C GLY B 53 -16.93 8.83 15.19
N ASN B 54 -15.66 8.74 14.84
CA ASN B 54 -14.61 8.68 15.83
C ASN B 54 -14.24 10.09 16.39
N PRO B 55 -13.51 10.09 17.57
CA PRO B 55 -13.06 11.34 18.12
C PRO B 55 -12.01 12.01 17.25
N GLU B 56 -12.00 13.31 17.31
CA GLU B 56 -11.08 14.15 16.56
C GLU B 56 -9.78 14.35 17.33
N PRO B 57 -8.67 14.65 16.64
CA PRO B 57 -8.56 14.72 15.18
C PRO B 57 -8.57 13.36 14.53
N ARG B 58 -9.28 13.26 13.40
CA ARG B 58 -9.51 11.99 12.70
C ARG B 58 -9.19 12.07 11.21
N TYR B 59 -8.81 13.23 10.69
CA TYR B 59 -8.32 13.43 9.33
C TYR B 59 -7.20 14.43 9.42
N MET B 60 -6.07 14.15 8.75
CA MET B 60 -5.03 15.12 8.51
C MET B 60 -4.41 15.05 7.17
N ALA B 61 -3.98 16.16 6.59
CA ALA B 61 -3.35 16.17 5.30
C ALA B 61 -2.03 16.87 5.31
N PHE B 62 -1.20 16.46 4.38
CA PHE B 62 0.20 16.80 4.28
C PHE B 62 0.53 16.92 2.80
N PRO B 63 1.73 17.43 2.44
CA PRO B 63 2.07 17.58 1.07
C PRO B 63 1.89 16.32 0.20
N LEU B 64 2.18 15.17 0.75
CA LEU B 64 2.06 13.94 -0.04
C LEU B 64 0.75 13.17 0.09
N GLY B 65 -0.19 13.66 0.90
CA GLY B 65 -1.52 13.02 0.97
C GLY B 65 -2.10 13.12 2.31
N SER B 66 -3.00 12.22 2.68
CA SER B 66 -3.81 12.36 3.86
C SER B 66 -3.88 11.03 4.57
N ILE B 67 -4.29 11.08 5.81
CA ILE B 67 -4.59 9.90 6.66
C ILE B 67 -5.94 10.13 7.33
N ASN B 68 -6.74 9.10 7.48
CA ASN B 68 -8.02 9.29 8.14
C ASN B 68 -8.40 8.02 8.81
N SER B 69 -9.08 8.18 9.93
CA SER B 69 -9.87 7.16 10.61
C SER B 69 -11.18 7.83 11.02
N MET B 70 -12.02 8.18 10.07
CA MET B 70 -13.23 8.98 10.42
C MET B 70 -14.19 8.17 11.27
N GLY B 71 -14.31 6.85 11.08
CA GLY B 71 -15.31 6.04 11.79
C GLY B 71 -16.70 6.10 11.19
N LEU B 72 -16.82 6.45 9.93
CA LEU B 72 -18.08 6.52 9.21
C LEU B 72 -19.10 7.49 9.83
N PRO B 73 -18.71 8.70 10.15
CA PRO B 73 -19.73 9.70 10.53
C PRO B 73 -20.67 9.91 9.36
N ASN B 74 -22.01 9.87 9.64
CA ASN B 74 -22.93 10.06 8.54
C ASN B 74 -24.33 10.37 9.13
N LEU B 75 -25.18 10.90 8.30
CA LEU B 75 -26.54 11.33 8.74
C LEU B 75 -27.56 10.23 8.73
N GLY B 76 -27.17 9.02 8.34
CA GLY B 76 -28.08 7.86 8.26
C GLY B 76 -28.77 7.75 6.92
N PHE B 77 -29.09 6.52 6.58
CA PHE B 77 -29.68 6.20 5.32
C PHE B 77 -30.90 6.99 4.97
N ASP B 78 -31.81 7.18 5.90
CA ASP B 78 -33.02 7.93 5.60
C ASP B 78 -32.73 9.31 5.00
N PHE B 79 -31.72 9.99 5.54
CA PHE B 79 -31.31 11.27 5.00
C PHE B 79 -30.84 11.19 3.56
N TYR B 80 -29.93 10.24 3.30
CA TYR B 80 -29.42 10.19 1.92
C TYR B 80 -30.44 9.72 0.91
N LEU B 81 -31.33 8.80 1.40
CA LEU B 81 -32.49 8.39 0.53
C LEU B 81 -33.45 9.52 0.20
N LYS B 82 -33.67 10.38 1.18
CA LYS B 82 -34.54 11.57 0.95
C LYS B 82 -33.87 12.53 0.02
N TYR B 83 -32.53 12.69 0.14
CA TYR B 83 -31.80 13.56 -0.76
C TYR B 83 -31.99 13.04 -2.19
N ALA B 84 -31.77 11.75 -2.40
CA ALA B 84 -31.96 11.13 -3.71
C ALA B 84 -33.40 11.21 -4.24
N SER B 85 -34.36 11.04 -3.37
CA SER B 85 -35.74 10.94 -3.79
C SER B 85 -36.37 12.31 -4.04
N ASP B 86 -36.00 13.30 -3.24
CA ASP B 86 -36.73 14.55 -3.15
C ASP B 86 -35.93 15.79 -3.40
N LEU B 87 -34.61 15.77 -3.14
CA LEU B 87 -33.82 17.00 -3.11
C LEU B 87 -32.90 17.18 -4.29
N HIS B 88 -32.32 16.12 -4.79
CA HIS B 88 -31.28 16.24 -5.78
C HIS B 88 -31.90 16.72 -7.15
N ASP B 89 -31.15 17.64 -7.84
CA ASP B 89 -31.58 18.08 -9.13
C ASP B 89 -30.89 17.18 -10.14
N TYR B 90 -31.54 16.15 -10.67
CA TYR B 90 -31.01 15.25 -11.66
C TYR B 90 -30.72 15.96 -13.06
N SER B 91 -31.34 17.11 -13.27
CA SER B 91 -31.05 17.89 -14.45
C SER B 91 -29.60 18.40 -14.41
N LYS B 92 -28.97 18.50 -13.24
CA LYS B 92 -27.63 19.07 -13.20
C LYS B 92 -26.57 17.99 -13.49
N LYS B 93 -26.69 16.83 -12.83
CA LYS B 93 -25.77 15.75 -13.01
C LYS B 93 -26.29 14.49 -12.32
N PRO B 94 -25.75 13.31 -12.64
CA PRO B 94 -26.11 12.07 -11.91
C PRO B 94 -25.59 12.00 -10.50
N LEU B 95 -26.33 11.24 -9.71
CA LEU B 95 -26.06 11.01 -8.32
C LEU B 95 -25.83 9.56 -8.08
N PHE B 96 -24.73 9.27 -7.34
CA PHE B 96 -24.45 7.95 -6.77
C PHE B 96 -24.70 8.04 -5.24
N LEU B 97 -25.29 6.97 -4.67
CA LEU B 97 -25.48 6.79 -3.25
C LEU B 97 -24.63 5.70 -2.76
N SER B 98 -23.75 5.95 -1.80
CA SER B 98 -22.87 4.90 -1.30
C SER B 98 -23.37 4.38 0.01
N ILE B 99 -23.37 3.06 0.16
CA ILE B 99 -23.76 2.41 1.42
C ILE B 99 -22.67 1.60 2.02
N SER B 100 -22.64 1.52 3.33
CA SER B 100 -21.65 0.70 3.99
C SER B 100 -22.16 0.20 5.30
N GLY B 101 -23.15 -0.68 5.22
CA GLY B 101 -23.67 -1.26 6.49
C GLY B 101 -22.67 -2.14 7.19
N LEU B 102 -22.97 -2.36 8.47
CA LEU B 102 -22.10 -3.13 9.38
C LEU B 102 -22.34 -4.66 9.40
N SER B 103 -23.34 -5.11 8.69
CA SER B 103 -23.65 -6.50 8.52
C SER B 103 -24.28 -6.68 7.13
N VAL B 104 -24.45 -7.91 6.69
CA VAL B 104 -25.11 -8.15 5.43
C VAL B 104 -26.59 -7.71 5.55
N GLU B 105 -27.28 -7.99 6.70
CA GLU B 105 -28.64 -7.62 6.76
C GLU B 105 -28.88 -6.10 6.71
N GLU B 106 -27.98 -5.34 7.33
CA GLU B 106 -28.11 -3.86 7.25
C GLU B 106 -28.04 -3.39 5.77
N ASN B 107 -27.06 -3.86 5.07
CA ASN B 107 -26.95 -3.55 3.63
C ASN B 107 -28.19 -3.98 2.85
N VAL B 108 -28.67 -5.24 3.09
CA VAL B 108 -29.87 -5.73 2.43
C VAL B 108 -31.07 -4.82 2.70
N ALA B 109 -31.24 -4.43 3.96
CA ALA B 109 -32.36 -3.52 4.22
C ALA B 109 -32.35 -2.17 3.56
N MET B 110 -31.12 -1.63 3.48
CA MET B 110 -30.97 -0.38 2.75
C MET B 110 -31.31 -0.54 1.26
N VAL B 111 -30.67 -1.53 0.64
CA VAL B 111 -30.88 -1.61 -0.81
C VAL B 111 -32.34 -1.98 -1.21
N ARG B 112 -33.02 -2.68 -0.28
CA ARG B 112 -34.45 -2.95 -0.57
C ARG B 112 -35.23 -1.72 -0.68
N ARG B 113 -34.89 -0.73 0.14
CA ARG B 113 -35.60 0.55 0.16
C ARG B 113 -35.07 1.55 -0.87
N LEU B 114 -33.81 1.40 -1.24
CA LEU B 114 -33.22 2.22 -2.35
C LEU B 114 -33.79 1.84 -3.73
N ALA B 115 -34.07 0.53 -3.90
CA ALA B 115 -34.50 0.07 -5.25
C ALA B 115 -35.58 0.92 -5.90
N PRO B 116 -36.69 1.21 -5.27
CA PRO B 116 -37.75 1.96 -6.00
C PRO B 116 -37.31 3.36 -6.41
N VAL B 117 -36.44 3.98 -5.58
CA VAL B 117 -35.93 5.29 -5.86
C VAL B 117 -34.89 5.23 -7.00
N ALA B 118 -34.05 4.21 -7.04
CA ALA B 118 -33.19 3.91 -8.18
C ALA B 118 -33.98 3.78 -9.46
N GLN B 119 -35.06 3.02 -9.43
CA GLN B 119 -35.85 2.84 -10.62
C GLN B 119 -36.58 4.10 -11.05
N GLU B 120 -37.15 4.87 -10.16
CA GLU B 120 -37.85 6.06 -10.52
C GLU B 120 -37.00 7.25 -10.85
N LYS B 121 -35.94 7.49 -10.08
CA LYS B 121 -35.16 8.71 -10.19
C LYS B 121 -33.79 8.50 -10.84
N GLY B 122 -33.28 7.27 -10.81
CA GLY B 122 -32.01 6.93 -11.52
C GLY B 122 -30.79 7.07 -10.64
N VAL B 123 -30.95 7.29 -9.35
CA VAL B 123 -29.81 7.21 -8.48
C VAL B 123 -29.13 5.89 -8.61
N LEU B 124 -27.78 5.87 -8.57
CA LEU B 124 -26.91 4.74 -8.75
C LEU B 124 -26.26 4.33 -7.47
N LEU B 125 -26.34 3.08 -7.15
CA LEU B 125 -25.78 2.52 -5.91
C LEU B 125 -24.29 2.17 -6.03
N GLU B 126 -23.49 2.65 -5.07
CA GLU B 126 -22.11 2.19 -4.89
C GLU B 126 -22.02 1.53 -3.52
N LEU B 127 -21.77 0.23 -3.51
CA LEU B 127 -21.62 -0.57 -2.28
C LEU B 127 -20.20 -0.57 -1.78
N ASN B 128 -19.92 0.00 -0.62
CA ASN B 128 -18.59 0.05 -0.04
C ASN B 128 -18.25 -1.21 0.65
N LEU B 129 -17.40 -2.00 0.00
CA LEU B 129 -16.97 -3.27 0.60
C LEU B 129 -15.76 -3.16 1.48
N SER B 130 -15.28 -1.96 1.85
CA SER B 130 -14.42 -1.83 3.07
C SER B 130 -15.22 -1.75 4.39
N CYS B 131 -16.54 -1.95 4.38
CA CYS B 131 -17.28 -2.08 5.62
C CYS B 131 -16.57 -3.14 6.52
N PRO B 132 -16.69 -2.96 7.84
CA PRO B 132 -16.07 -3.88 8.72
C PRO B 132 -16.98 -5.13 8.76
N ASN B 133 -16.26 -6.18 9.00
CA ASN B 133 -16.68 -7.52 9.12
C ASN B 133 -16.94 -7.63 10.63
N VAL B 134 -17.18 -8.85 11.01
CA VAL B 134 -17.05 -9.20 12.41
C VAL B 134 -15.74 -8.63 12.91
N PRO B 135 -15.73 -7.89 14.05
CA PRO B 135 -14.38 -7.40 14.49
C PRO B 135 -13.34 -8.52 14.87
N GLY B 136 -12.06 -8.31 14.51
CA GLY B 136 -11.05 -9.31 14.44
C GLY B 136 -10.88 -10.13 13.19
N LYS B 137 -11.79 -9.87 12.23
CA LYS B 137 -11.69 -10.41 10.90
C LYS B 137 -11.37 -9.17 10.02
N PRO B 138 -10.77 -9.45 8.87
CA PRO B 138 -10.44 -8.38 7.91
C PRO B 138 -11.65 -7.68 7.37
N GLN B 139 -11.50 -6.49 6.79
CA GLN B 139 -12.59 -5.89 6.11
C GLN B 139 -13.18 -6.81 5.06
N VAL B 140 -14.45 -6.57 4.74
CA VAL B 140 -15.21 -7.46 3.93
C VAL B 140 -14.49 -7.79 2.63
N ALA B 141 -13.90 -6.86 1.92
CA ALA B 141 -13.26 -7.18 0.62
C ALA B 141 -11.91 -7.85 0.74
N TYR B 142 -11.39 -7.99 1.96
CA TYR B 142 -10.26 -8.83 2.20
C TYR B 142 -10.63 -10.24 2.72
N ASP B 143 -11.92 -10.54 2.76
CA ASP B 143 -12.44 -11.86 3.16
C ASP B 143 -13.31 -12.31 2.01
N PHE B 144 -12.75 -13.07 1.07
CA PHE B 144 -13.47 -13.36 -0.17
C PHE B 144 -14.76 -14.10 -0.01
N GLU B 145 -14.82 -14.99 1.01
CA GLU B 145 -16.10 -15.61 1.33
C GLU B 145 -17.17 -14.67 1.81
N ALA B 146 -16.82 -13.74 2.69
CA ALA B 146 -17.73 -12.74 3.12
C ALA B 146 -18.16 -11.90 1.93
N MET B 147 -17.19 -11.53 1.10
CA MET B 147 -17.50 -10.65 -0.02
C MET B 147 -18.53 -11.29 -0.93
N ARG B 148 -18.35 -12.58 -1.21
CA ARG B 148 -19.31 -13.30 -2.02
C ARG B 148 -20.69 -13.29 -1.39
N THR B 149 -20.77 -13.56 -0.08
CA THR B 149 -22.11 -13.54 0.63
C THR B 149 -22.79 -12.17 0.50
N TYR B 150 -22.02 -11.10 0.71
CA TYR B 150 -22.58 -9.79 0.59
C TYR B 150 -23.15 -9.52 -0.78
N LEU B 151 -22.35 -9.85 -1.80
CA LEU B 151 -22.77 -9.63 -3.17
C LEU B 151 -23.96 -10.46 -3.62
N GLN B 152 -24.01 -11.70 -3.13
CA GLN B 152 -25.19 -12.54 -3.45
C GLN B 152 -26.47 -11.94 -2.80
N GLN B 153 -26.35 -11.53 -1.56
CA GLN B 153 -27.52 -11.03 -0.87
C GLN B 153 -27.95 -9.66 -1.34
N VAL B 154 -27.01 -8.77 -1.64
CA VAL B 154 -27.38 -7.52 -2.18
C VAL B 154 -27.94 -7.60 -3.60
N SER B 155 -27.36 -8.47 -4.40
CA SER B 155 -27.88 -8.65 -5.75
C SER B 155 -29.31 -9.14 -5.74
N LEU B 156 -29.59 -10.12 -4.85
CA LEU B 156 -31.00 -10.65 -4.71
C LEU B 156 -31.92 -9.56 -4.21
N ALA B 157 -31.50 -8.77 -3.26
CA ALA B 157 -32.35 -7.79 -2.64
C ALA B 157 -32.65 -6.60 -3.52
N TYR B 158 -31.63 -6.15 -4.30
CA TYR B 158 -31.71 -4.93 -5.02
C TYR B 158 -32.25 -5.12 -6.41
N GLY B 159 -31.71 -6.09 -7.12
CA GLY B 159 -32.27 -6.48 -8.42
C GLY B 159 -31.98 -5.56 -9.60
N LEU B 160 -31.05 -4.59 -9.43
CA LEU B 160 -30.75 -3.54 -10.41
C LEU B 160 -29.23 -3.44 -10.50
N PRO B 161 -28.75 -2.87 -11.60
CA PRO B 161 -27.29 -2.68 -11.72
C PRO B 161 -26.79 -1.78 -10.58
N PHE B 162 -25.61 -2.14 -10.13
CA PHE B 162 -24.98 -1.38 -9.02
C PHE B 162 -23.46 -1.49 -9.23
N GLY B 163 -22.72 -0.79 -8.37
CA GLY B 163 -21.28 -0.89 -8.37
C GLY B 163 -20.71 -1.13 -6.99
N VAL B 164 -19.42 -1.43 -6.94
CA VAL B 164 -18.78 -1.75 -5.72
C VAL B 164 -17.50 -0.88 -5.57
N LYS B 165 -17.23 -0.42 -4.40
CA LYS B 165 -15.97 0.26 -4.02
C LYS B 165 -15.05 -0.70 -3.37
N MET B 166 -13.85 -0.86 -3.90
CA MET B 166 -12.87 -1.89 -3.47
C MET B 166 -11.68 -1.28 -2.80
N PRO B 167 -11.11 -1.94 -1.78
CA PRO B 167 -9.84 -1.54 -1.29
C PRO B 167 -8.74 -1.96 -2.29
N PRO B 168 -7.58 -1.41 -2.17
CA PRO B 168 -6.48 -1.88 -2.96
C PRO B 168 -6.02 -3.28 -2.58
N TYR B 169 -5.54 -4.05 -3.56
CA TYR B 169 -4.82 -5.30 -3.35
C TYR B 169 -3.39 -5.14 -3.84
N PHE B 170 -2.51 -6.06 -3.35
CA PHE B 170 -1.06 -5.97 -3.50
C PHE B 170 -0.41 -7.26 -3.97
N ASP B 171 -1.21 -8.22 -4.36
CA ASP B 171 -0.72 -9.57 -4.76
C ASP B 171 -1.54 -10.00 -5.96
N ILE B 172 -0.88 -10.55 -6.98
CA ILE B 172 -1.57 -10.94 -8.23
C ILE B 172 -2.63 -12.02 -7.92
N ALA B 173 -2.34 -12.88 -6.94
CA ALA B 173 -3.35 -13.91 -6.62
C ALA B 173 -4.58 -13.29 -6.12
N HIS B 174 -4.50 -12.20 -5.34
CA HIS B 174 -5.66 -11.47 -4.84
C HIS B 174 -6.42 -10.75 -5.92
N PHE B 175 -5.73 -10.10 -6.87
CA PHE B 175 -6.40 -9.54 -8.03
C PHE B 175 -7.21 -10.63 -8.72
N ASP B 176 -6.60 -11.79 -8.92
CA ASP B 176 -7.28 -12.86 -9.64
C ASP B 176 -8.55 -13.31 -8.90
N THR B 177 -8.44 -13.57 -7.61
CA THR B 177 -9.55 -14.05 -6.83
C THR B 177 -10.63 -13.02 -6.68
N ALA B 178 -10.24 -11.74 -6.39
CA ALA B 178 -11.22 -10.73 -6.22
C ALA B 178 -12.04 -10.53 -7.50
N ALA B 179 -11.38 -10.43 -8.68
CA ALA B 179 -12.06 -10.25 -9.87
C ALA B 179 -12.95 -11.41 -10.23
N ALA B 180 -12.50 -12.60 -9.95
CA ALA B 180 -13.33 -13.78 -10.18
C ALA B 180 -14.59 -13.70 -9.33
N VAL B 181 -14.52 -13.26 -8.07
CA VAL B 181 -15.72 -13.09 -7.28
C VAL B 181 -16.63 -12.09 -7.91
N LEU B 182 -16.13 -10.89 -8.28
CA LEU B 182 -16.97 -9.92 -8.85
C LEU B 182 -17.65 -10.37 -10.14
N ASN B 183 -16.94 -11.14 -10.93
CA ASN B 183 -17.46 -11.62 -12.21
C ASN B 183 -18.57 -12.71 -12.07
N GLU B 184 -18.79 -13.21 -10.85
CA GLU B 184 -19.94 -14.04 -10.53
C GLU B 184 -21.24 -13.27 -10.53
N PHE B 185 -21.21 -11.92 -10.49
CA PHE B 185 -22.38 -11.09 -10.24
C PHE B 185 -22.62 -10.20 -11.39
N PRO B 186 -23.53 -10.54 -12.33
CA PRO B 186 -23.79 -9.73 -13.48
C PRO B 186 -24.41 -8.34 -13.18
N LEU B 187 -25.03 -8.17 -12.01
CA LEU B 187 -25.56 -6.84 -11.68
C LEU B 187 -24.47 -5.85 -11.20
N VAL B 188 -23.27 -6.37 -10.93
CA VAL B 188 -22.15 -5.49 -10.61
C VAL B 188 -21.61 -4.93 -11.91
N LYS B 189 -22.03 -3.71 -12.21
CA LYS B 189 -21.70 -3.13 -13.46
C LYS B 189 -20.51 -2.18 -13.44
N PHE B 190 -20.14 -1.69 -12.30
CA PHE B 190 -18.92 -0.90 -12.14
C PHE B 190 -18.18 -1.26 -10.89
N VAL B 191 -16.85 -1.07 -10.95
CA VAL B 191 -15.92 -1.37 -9.88
C VAL B 191 -15.07 -0.14 -9.66
N THR B 192 -15.11 0.43 -8.45
CA THR B 192 -14.31 1.63 -8.14
C THR B 192 -13.09 1.22 -7.38
N CYS B 193 -11.95 1.50 -7.99
CA CYS B 193 -10.63 1.17 -7.47
C CYS B 193 -9.90 2.45 -7.30
N VAL B 194 -9.54 2.93 -6.13
CA VAL B 194 -9.51 2.23 -4.84
C VAL B 194 -9.96 3.10 -3.68
N ASN B 195 -10.37 2.41 -2.63
CA ASN B 195 -10.43 3.02 -1.30
C ASN B 195 -9.03 3.33 -0.76
N SER B 196 -8.96 3.92 0.43
CA SER B 196 -7.69 4.28 1.02
C SER B 196 -6.84 3.06 1.25
N VAL B 197 -5.53 3.29 1.23
CA VAL B 197 -4.55 2.25 1.53
C VAL B 197 -4.52 2.07 3.09
N GLY B 198 -4.94 0.93 3.55
CA GLY B 198 -5.30 0.74 4.95
C GLY B 198 -4.17 0.86 5.93
N ASN B 199 -4.50 1.43 7.09
CA ASN B 199 -3.72 1.35 8.27
C ASN B 199 -2.27 1.75 8.06
N GLY B 200 -2.06 2.88 7.45
CA GLY B 200 -0.82 3.57 7.47
C GLY B 200 -0.66 4.32 8.81
N LEU B 201 0.49 4.90 9.04
CA LEU B 201 0.80 5.60 10.32
C LEU B 201 1.64 6.78 10.00
N VAL B 202 1.12 8.00 10.20
CA VAL B 202 1.89 9.24 10.06
C VAL B 202 2.37 9.69 11.45
N ILE B 203 3.63 10.03 11.54
CA ILE B 203 4.19 10.53 12.78
C ILE B 203 4.86 11.88 12.50
N ASP B 204 4.58 12.83 13.39
CA ASP B 204 5.14 14.17 13.37
C ASP B 204 6.48 14.16 14.13
N ALA B 205 7.58 14.48 13.48
CA ALA B 205 8.85 14.43 14.11
C ALA B 205 9.06 15.46 15.24
N GLU B 206 8.50 16.68 15.12
CA GLU B 206 8.64 17.65 16.19
C GLU B 206 7.98 17.21 17.50
N SER B 207 6.73 16.78 17.42
CA SER B 207 6.01 16.45 18.57
C SER B 207 6.22 15.02 19.03
N GLU B 208 6.82 14.21 18.13
CA GLU B 208 7.06 12.78 18.38
C GLU B 208 5.80 12.00 18.56
N SER B 209 4.75 12.46 17.88
CA SER B 209 3.36 11.98 18.08
C SER B 209 2.76 11.59 16.75
N VAL B 210 1.89 10.57 16.85
CA VAL B 210 0.88 10.34 15.77
C VAL B 210 0.01 11.59 15.56
N VAL B 211 -0.69 11.63 14.43
CA VAL B 211 -1.40 12.86 14.06
C VAL B 211 -2.91 12.70 14.13
N ILE B 212 -3.39 11.49 14.27
CA ILE B 212 -4.81 11.32 14.44
C ILE B 212 -5.00 10.54 15.76
N LYS B 213 -6.18 10.73 16.37
CA LYS B 213 -6.49 10.16 17.64
C LYS B 213 -6.96 8.70 17.65
N PRO B 214 -7.88 8.32 16.75
CA PRO B 214 -8.34 6.96 16.77
C PRO B 214 -7.22 5.93 16.47
N LYS B 215 -7.41 4.69 16.90
CA LYS B 215 -6.61 3.57 16.45
C LYS B 215 -5.13 3.82 16.67
N GLN B 216 -4.77 4.53 17.75
CA GLN B 216 -3.34 4.78 18.05
C GLN B 216 -2.62 5.41 16.88
N GLY B 217 -3.31 6.21 16.07
CA GLY B 217 -2.73 6.91 14.93
C GLY B 217 -2.87 6.22 13.61
N PHE B 218 -3.30 4.98 13.56
CA PHE B 218 -3.41 4.23 12.29
C PHE B 218 -4.63 4.69 11.54
N GLY B 219 -4.47 4.82 10.23
CA GLY B 219 -5.57 5.24 9.36
C GLY B 219 -5.32 5.04 7.92
N GLY B 220 -6.38 5.20 7.15
CA GLY B 220 -6.22 4.98 5.69
C GLY B 220 -5.51 6.11 5.01
N LEU B 221 -4.69 5.80 4.04
CA LEU B 221 -3.92 6.81 3.30
C LEU B 221 -4.57 7.12 1.98
N GLY B 222 -4.55 8.37 1.63
CA GLY B 222 -4.94 8.87 0.33
C GLY B 222 -3.90 9.85 -0.23
N GLY B 223 -4.10 10.25 -1.47
CA GLY B 223 -3.31 11.24 -2.11
C GLY B 223 -2.10 10.74 -2.86
N LYS B 224 -1.04 11.57 -2.88
CA LYS B 224 0.09 11.27 -3.76
C LYS B 224 0.73 9.94 -3.40
N TYR B 225 0.71 9.58 -2.10
CA TYR B 225 1.24 8.27 -1.71
C TYR B 225 0.74 7.13 -2.52
N ILE B 226 -0.54 7.16 -2.95
CA ILE B 226 -1.25 5.99 -3.43
C ILE B 226 -1.52 5.97 -4.95
N LEU B 227 -1.03 6.91 -5.73
CA LEU B 227 -1.35 6.88 -7.15
C LEU B 227 -0.90 5.64 -7.87
N PRO B 228 0.38 5.16 -7.69
CA PRO B 228 0.68 3.95 -8.44
C PRO B 228 -0.10 2.73 -7.94
N THR B 229 -0.44 2.62 -6.66
CA THR B 229 -1.32 1.56 -6.19
C THR B 229 -2.67 1.63 -6.87
N ALA B 230 -3.21 2.85 -6.92
CA ALA B 230 -4.51 3.06 -7.55
C ALA B 230 -4.50 2.62 -9.00
N LEU B 231 -3.49 3.06 -9.77
CA LEU B 231 -3.44 2.76 -11.19
C LEU B 231 -3.37 1.28 -11.38
N ALA B 232 -2.53 0.57 -10.57
CA ALA B 232 -2.41 -0.85 -10.68
C ALA B 232 -3.74 -1.53 -10.51
N ASN B 233 -4.51 -1.13 -9.48
CA ASN B 233 -5.80 -1.74 -9.26
C ASN B 233 -6.79 -1.45 -10.33
N VAL B 234 -6.78 -0.24 -10.81
CA VAL B 234 -7.65 0.12 -11.97
C VAL B 234 -7.35 -0.84 -13.11
N ASN B 235 -6.07 -0.90 -13.45
CA ASN B 235 -5.73 -1.68 -14.67
C ASN B 235 -5.95 -3.17 -14.43
N ALA B 236 -5.69 -3.68 -13.23
CA ALA B 236 -5.83 -5.10 -12.92
C ALA B 236 -7.28 -5.48 -13.09
N PHE B 237 -8.24 -4.70 -12.59
CA PHE B 237 -9.67 -4.98 -12.73
C PHE B 237 -10.16 -4.69 -14.12
N TYR B 238 -9.60 -3.69 -14.78
CA TYR B 238 -9.93 -3.45 -16.21
C TYR B 238 -9.66 -4.61 -17.07
N ARG B 239 -8.50 -5.24 -16.89
CA ARG B 239 -8.08 -6.44 -17.63
C ARG B 239 -8.96 -7.63 -17.25
N ARG B 240 -9.31 -7.79 -16.00
CA ARG B 240 -9.99 -9.01 -15.50
C ARG B 240 -11.50 -8.96 -15.62
N CYS B 241 -12.07 -7.78 -15.76
CA CYS B 241 -13.57 -7.66 -15.74
C CYS B 241 -13.98 -6.96 -17.01
N PRO B 242 -13.90 -7.66 -18.16
CA PRO B 242 -14.20 -7.09 -19.45
C PRO B 242 -15.69 -6.69 -19.62
N ASP B 243 -16.61 -7.23 -18.87
CA ASP B 243 -18.01 -6.82 -18.95
C ASP B 243 -18.44 -5.81 -17.98
N LYS B 244 -17.50 -5.20 -17.24
CA LYS B 244 -17.82 -4.18 -16.30
C LYS B 244 -17.05 -2.89 -16.58
N LEU B 245 -17.50 -1.78 -16.03
CA LEU B 245 -16.77 -0.50 -16.03
C LEU B 245 -15.87 -0.48 -14.83
N VAL B 246 -14.78 0.24 -14.90
CA VAL B 246 -13.92 0.53 -13.77
C VAL B 246 -13.91 2.03 -13.57
N PHE B 247 -14.11 2.47 -12.34
CA PHE B 247 -13.96 3.87 -11.99
C PHE B 247 -12.64 3.99 -11.24
N GLY B 248 -11.86 5.02 -11.53
CA GLY B 248 -10.62 5.22 -10.83
C GLY B 248 -10.73 6.18 -9.70
N CYS B 249 -10.05 5.85 -8.62
CA CYS B 249 -9.97 6.71 -7.39
C CYS B 249 -8.59 6.51 -6.80
N GLY B 250 -7.91 7.59 -6.52
CA GLY B 250 -6.66 7.58 -5.79
C GLY B 250 -5.60 8.43 -6.40
N GLY B 251 -5.12 9.38 -5.59
CA GLY B 251 -3.97 10.17 -6.05
C GLY B 251 -4.21 11.18 -7.13
N VAL B 252 -5.48 11.53 -7.42
CA VAL B 252 -5.71 12.53 -8.51
C VAL B 252 -5.62 13.95 -7.99
N TYR B 253 -4.61 14.68 -8.46
CA TYR B 253 -4.40 16.11 -8.20
C TYR B 253 -4.42 16.96 -9.45
N SER B 254 -4.30 16.36 -10.58
CA SER B 254 -4.17 17.09 -11.85
C SER B 254 -4.83 16.35 -12.96
N GLY B 255 -4.98 17.08 -14.07
CA GLY B 255 -5.46 16.44 -15.27
C GLY B 255 -4.51 15.36 -15.78
N GLU B 256 -3.19 15.45 -15.56
CA GLU B 256 -2.28 14.39 -15.91
C GLU B 256 -2.54 13.15 -15.13
N ASP B 257 -2.82 13.30 -13.84
CA ASP B 257 -3.07 12.13 -13.04
C ASP B 257 -4.37 11.45 -13.51
N ALA B 258 -5.39 12.25 -13.85
CA ALA B 258 -6.60 11.73 -14.46
C ALA B 258 -6.40 10.98 -15.73
N PHE B 259 -5.55 11.58 -16.59
CA PHE B 259 -5.21 10.96 -17.86
C PHE B 259 -4.57 9.57 -17.66
N LEU B 260 -3.74 9.43 -16.62
CA LEU B 260 -3.13 8.15 -16.34
C LEU B 260 -4.19 7.13 -15.89
N HIS B 261 -5.10 7.52 -14.98
CA HIS B 261 -6.19 6.69 -14.60
C HIS B 261 -6.99 6.20 -15.80
N ILE B 262 -7.29 7.10 -16.73
CA ILE B 262 -8.08 6.75 -17.93
C ILE B 262 -7.31 5.81 -18.83
N LEU B 263 -6.02 6.06 -19.06
CA LEU B 263 -5.15 5.14 -19.77
C LEU B 263 -5.17 3.77 -19.18
N ALA B 264 -5.20 3.67 -17.84
CA ALA B 264 -5.28 2.43 -17.13
C ALA B 264 -6.58 1.67 -17.24
N GLY B 265 -7.61 2.39 -17.61
CA GLY B 265 -8.94 1.81 -17.84
C GLY B 265 -10.11 2.60 -17.24
N ALA B 266 -9.89 3.65 -16.46
CA ALA B 266 -10.98 4.30 -15.77
C ALA B 266 -11.97 4.98 -16.74
N SER B 267 -13.26 4.82 -16.31
CA SER B 267 -14.38 5.58 -16.93
C SER B 267 -14.55 6.86 -16.13
N MET B 268 -15.19 6.81 -15.00
CA MET B 268 -15.22 7.97 -14.08
C MET B 268 -13.89 8.00 -13.29
N VAL B 269 -13.53 9.22 -12.83
CA VAL B 269 -12.36 9.52 -12.07
C VAL B 269 -12.83 10.31 -10.86
N GLN B 270 -12.55 9.74 -9.70
CA GLN B 270 -12.98 10.32 -8.40
C GLN B 270 -11.78 10.99 -7.75
N VAL B 271 -12.11 12.01 -6.97
CA VAL B 271 -11.12 12.91 -6.37
C VAL B 271 -11.48 13.07 -4.90
N GLY B 272 -10.59 12.57 -4.06
CA GLY B 272 -10.75 12.54 -2.59
C GLY B 272 -9.91 13.65 -1.95
N THR B 273 -8.71 13.26 -1.50
CA THR B 273 -7.81 14.14 -0.77
C THR B 273 -7.64 15.48 -1.46
N ALA B 274 -7.36 15.50 -2.75
CA ALA B 274 -7.09 16.80 -3.40
C ALA B 274 -8.33 17.72 -3.35
N LEU B 275 -9.52 17.14 -3.43
CA LEU B 275 -10.77 17.90 -3.32
C LEU B 275 -10.96 18.41 -1.91
N GLN B 276 -10.69 17.61 -0.92
CA GLN B 276 -10.71 17.98 0.48
C GLN B 276 -9.77 19.15 0.72
N GLU B 277 -8.61 19.14 0.07
CA GLU B 277 -7.65 20.19 0.32
C GLU B 277 -7.90 21.47 -0.48
N GLU B 278 -8.31 21.33 -1.73
CA GLU B 278 -8.47 22.48 -2.67
C GLU B 278 -9.90 23.04 -2.77
N GLY B 279 -10.90 22.21 -2.49
CA GLY B 279 -12.25 22.56 -2.64
C GLY B 279 -12.74 22.36 -4.07
N PRO B 280 -14.05 22.59 -4.30
CA PRO B 280 -14.67 22.24 -5.51
C PRO B 280 -14.21 22.94 -6.75
N GLY B 281 -13.53 24.06 -6.62
CA GLY B 281 -12.86 24.71 -7.76
C GLY B 281 -11.96 23.77 -8.47
N ILE B 282 -11.52 22.71 -7.81
CA ILE B 282 -10.57 21.81 -8.45
C ILE B 282 -11.16 21.22 -9.75
N PHE B 283 -12.47 21.06 -9.83
CA PHE B 283 -13.04 20.42 -11.03
C PHE B 283 -12.84 21.21 -12.28
N THR B 284 -12.89 22.53 -12.20
CA THR B 284 -12.67 23.31 -13.46
C THR B 284 -11.21 23.19 -13.85
N ARG B 285 -10.27 23.15 -12.90
CA ARG B 285 -8.89 22.97 -13.17
C ARG B 285 -8.62 21.63 -13.79
N LEU B 286 -9.16 20.60 -13.21
CA LEU B 286 -8.89 19.26 -13.75
C LEU B 286 -9.43 19.09 -15.16
N GLU B 287 -10.58 19.63 -15.43
CA GLU B 287 -11.17 19.60 -16.79
C GLU B 287 -10.24 20.33 -17.76
N ASP B 288 -9.84 21.54 -17.46
CA ASP B 288 -8.95 22.30 -18.33
C ASP B 288 -7.69 21.56 -18.57
N GLU B 289 -7.08 21.01 -17.51
CA GLU B 289 -5.82 20.31 -17.63
C GLU B 289 -5.96 19.05 -18.52
N LEU B 290 -6.97 18.25 -18.29
CA LEU B 290 -7.15 17.07 -19.10
C LEU B 290 -7.41 17.46 -20.55
N LEU B 291 -8.25 18.48 -20.86
CA LEU B 291 -8.48 18.91 -22.25
C LEU B 291 -7.17 19.36 -22.83
N GLU B 292 -6.27 19.98 -22.08
CA GLU B 292 -5.03 20.47 -22.66
C GLU B 292 -4.14 19.30 -23.09
N ILE B 293 -4.07 18.23 -22.27
CA ILE B 293 -3.28 17.06 -22.62
C ILE B 293 -3.92 16.42 -23.86
N MET B 294 -5.23 16.26 -23.91
CA MET B 294 -5.93 15.70 -25.08
C MET B 294 -5.59 16.52 -26.32
N ALA B 295 -5.63 17.82 -26.23
CA ALA B 295 -5.33 18.66 -27.43
C ALA B 295 -3.91 18.45 -27.88
N ARG B 296 -2.95 18.37 -27.00
CA ARG B 296 -1.56 18.21 -27.40
C ARG B 296 -1.30 16.87 -28.09
N LYS B 297 -2.01 15.85 -27.71
CA LYS B 297 -1.88 14.52 -28.20
C LYS B 297 -2.83 14.23 -29.39
N GLY B 298 -3.74 15.14 -29.71
CA GLY B 298 -4.70 14.94 -30.79
C GLY B 298 -5.89 14.05 -30.49
N TYR B 299 -6.22 13.81 -29.21
CA TYR B 299 -7.31 13.00 -28.81
C TYR B 299 -8.61 13.84 -28.73
N ARG B 300 -9.68 13.37 -29.34
CA ARG B 300 -10.94 14.11 -29.34
C ARG B 300 -11.91 13.62 -28.30
N THR B 301 -11.82 12.38 -27.86
CA THR B 301 -12.75 11.82 -26.93
C THR B 301 -11.99 10.94 -25.93
N LEU B 302 -12.62 10.62 -24.79
CA LEU B 302 -11.99 9.78 -23.79
C LEU B 302 -11.82 8.33 -24.28
N GLU B 303 -12.76 7.85 -25.10
CA GLU B 303 -12.65 6.48 -25.55
C GLU B 303 -11.45 6.25 -26.47
N GLU B 304 -10.91 7.31 -27.02
CA GLU B 304 -9.76 7.15 -27.89
C GLU B 304 -8.54 6.64 -27.13
N PHE B 305 -8.50 6.84 -25.81
CA PHE B 305 -7.34 6.42 -25.03
C PHE B 305 -7.67 5.62 -23.79
N ARG B 306 -8.97 5.45 -23.48
CA ARG B 306 -9.26 4.71 -22.27
C ARG B 306 -8.77 3.27 -22.36
N GLY B 307 -8.00 2.78 -21.38
CA GLY B 307 -7.52 1.41 -21.33
C GLY B 307 -6.37 1.15 -22.29
N ARG B 308 -5.85 2.16 -22.94
CA ARG B 308 -4.86 2.05 -23.99
C ARG B 308 -3.41 2.22 -23.50
N VAL B 309 -3.15 2.07 -22.18
CA VAL B 309 -1.81 2.02 -21.66
C VAL B 309 -1.00 0.94 -22.46
N LYS B 310 0.19 1.37 -22.82
CA LYS B 310 1.13 0.47 -23.55
C LYS B 310 2.02 -0.27 -22.61
N THR B 311 2.26 -1.55 -22.89
CA THR B 311 3.26 -2.36 -22.25
C THR B 311 4.51 -2.45 -23.08
N ILE B 312 5.61 -2.83 -22.47
CA ILE B 312 6.93 -2.91 -23.16
C ILE B 312 7.16 -4.31 -23.69
N GLU B 313 7.37 -4.39 -25.00
CA GLU B 313 7.78 -5.65 -25.69
C GLU B 313 7.23 -6.97 -25.15
#